data_1VLA
#
_entry.id   1VLA
#
_cell.length_a   64.754
_cell.length_b   39.789
_cell.length_c   110.448
_cell.angle_alpha   90.00
_cell.angle_beta   93.79
_cell.angle_gamma   90.00
#
_symmetry.space_group_name_H-M   'P 1 21 1'
#
loop_
_entity.id
_entity.type
_entity.pdbx_description
1 polymer 'Hydroperoxide resistance protein OsmC'
2 water water
#
_entity_poly.entity_id   1
_entity_poly.type   'polypeptide(L)'
_entity_poly.pdbx_seq_one_letter_code
;(MSE)GSDKIHHHHHH(MSE)QARWIGN(MSE)(MSE)FHVRTDSNHDVL(MSE)DTKEEVGGKDAAPRPLELVLTGL
(MSE)GCTG(MSE)DVVSILRK(MSE)KVIDQ(MSE)KDFRIEIEYERTEEHPRIFTKVHLKYIFKFDGEPPKDKVEKAV
QLSQEKYCSVSAILKCSSKVTYEIVYEN
;
_entity_poly.pdbx_strand_id   A,B,C,D
#
# COMPACT_ATOMS: atom_id res chain seq x y z
N HIS A 7 -7.70 -24.66 -24.41
CA HIS A 7 -8.59 -23.94 -23.43
C HIS A 7 -7.79 -22.86 -22.71
N HIS A 8 -7.48 -21.82 -23.48
CA HIS A 8 -6.59 -20.75 -23.06
C HIS A 8 -7.25 -19.98 -21.93
N HIS A 9 -6.42 -19.46 -21.02
CA HIS A 9 -6.94 -18.83 -19.86
C HIS A 9 -7.30 -17.41 -20.14
N HIS A 10 -8.47 -17.01 -19.70
CA HIS A 10 -8.93 -15.63 -19.83
C HIS A 10 -8.67 -15.00 -18.49
N HIS A 11 -7.94 -13.92 -18.48
CA HIS A 11 -7.64 -13.22 -17.23
C HIS A 11 -8.29 -11.85 -17.29
N HIS A 12 -8.80 -11.40 -16.15
CA HIS A 12 -9.57 -10.17 -16.05
C HIS A 12 -8.99 -9.33 -14.89
N GLN A 14 -9.70 -5.19 -13.02
CA GLN A 14 -10.39 -3.93 -13.16
C GLN A 14 -9.84 -2.85 -12.24
N ALA A 15 -9.87 -1.62 -12.75
CA ALA A 15 -9.34 -0.43 -12.07
C ALA A 15 -10.51 0.52 -11.99
N ARG A 16 -10.82 0.96 -10.79
CA ARG A 16 -11.95 1.79 -10.56
C ARG A 16 -11.46 3.24 -10.21
N TRP A 17 -12.02 4.22 -10.92
CA TRP A 17 -11.80 5.61 -10.56
C TRP A 17 -12.52 5.91 -9.27
N ILE A 18 -11.81 6.49 -8.32
CA ILE A 18 -12.42 6.81 -7.05
C ILE A 18 -12.40 8.30 -6.73
N GLY A 19 -12.23 9.10 -7.77
CA GLY A 19 -12.30 10.53 -7.66
C GLY A 19 -10.97 11.14 -7.98
N ASN A 20 -11.04 12.42 -8.34
CA ASN A 20 -9.88 13.23 -8.70
C ASN A 20 -9.11 12.47 -9.77
N PHE A 23 -7.14 5.91 -8.83
CA PHE A 23 -7.69 4.62 -9.28
C PHE A 23 -7.30 3.56 -8.23
N HIS A 24 -8.21 2.63 -7.98
CA HIS A 24 -8.00 1.52 -7.10
C HIS A 24 -8.26 0.24 -7.85
N VAL A 25 -7.34 -0.69 -7.65
CA VAL A 25 -7.48 -2.03 -8.16
C VAL A 25 -7.49 -3.01 -6.99
N ARG A 26 -8.41 -3.97 -6.99
CA ARG A 26 -8.27 -5.15 -6.15
C ARG A 26 -7.79 -6.25 -7.07
N THR A 27 -6.58 -6.75 -6.79
CA THR A 27 -5.98 -7.79 -7.65
C THR A 27 -6.62 -9.15 -7.53
N ASP A 28 -6.41 -10.01 -8.53
CA ASP A 28 -6.87 -11.40 -8.45
C ASP A 28 -6.19 -12.09 -7.28
N SER A 29 -4.92 -11.75 -7.02
CA SER A 29 -4.20 -12.23 -5.83
C SER A 29 -4.74 -11.60 -4.53
N ASN A 30 -5.72 -10.70 -4.65
CA ASN A 30 -6.44 -10.18 -3.49
C ASN A 30 -5.67 -9.15 -2.65
N HIS A 31 -5.11 -8.18 -3.35
CA HIS A 31 -4.31 -7.13 -2.77
C HIS A 31 -4.74 -5.82 -3.39
N ASP A 32 -4.48 -4.74 -2.68
CA ASP A 32 -4.85 -3.40 -3.13
C ASP A 32 -3.71 -2.80 -3.93
N VAL A 33 -4.06 -2.12 -5.01
CA VAL A 33 -3.11 -1.23 -5.66
C VAL A 33 -3.81 0.12 -5.90
N LEU A 34 -3.17 1.22 -5.53
CA LEU A 34 -3.66 2.58 -5.77
C LEU A 34 -2.72 3.30 -6.70
N ASP A 36 -2.12 7.40 -8.41
CA ASP A 36 -2.50 8.81 -8.29
C ASP A 36 -1.48 9.58 -9.08
N THR A 37 -1.73 10.86 -9.19
CA THR A 37 -0.75 11.71 -9.80
C THR A 37 -0.53 13.00 -9.02
N LYS A 38 0.31 13.82 -9.59
CA LYS A 38 0.58 15.13 -9.06
C LYS A 38 -0.64 16.03 -8.96
N GLU A 39 -0.61 16.94 -7.97
CA GLU A 39 -1.74 17.81 -7.71
C GLU A 39 -1.92 18.75 -8.91
N GLU A 40 -0.80 19.06 -9.56
CA GLU A 40 -0.81 19.90 -10.73
C GLU A 40 -1.63 19.39 -11.91
N VAL A 41 -1.86 18.10 -12.00
CA VAL A 41 -2.68 17.54 -13.07
C VAL A 41 -3.96 16.91 -12.52
N GLY A 42 -4.32 17.29 -11.30
CA GLY A 42 -5.65 17.01 -10.75
C GLY A 42 -5.64 15.96 -9.65
N GLY A 43 -4.44 15.46 -9.34
CA GLY A 43 -4.26 14.34 -8.42
C GLY A 43 -4.04 14.83 -7.00
N LYS A 44 -3.75 13.90 -6.10
CA LYS A 44 -3.51 14.22 -4.70
C LYS A 44 -2.16 13.73 -4.20
N ASP A 45 -1.35 13.24 -5.13
CA ASP A 45 -0.03 12.69 -4.85
C ASP A 45 -0.03 11.76 -3.64
N ALA A 46 -0.96 10.82 -3.65
CA ALA A 46 -1.18 9.98 -2.53
C ALA A 46 -0.86 8.53 -2.86
N ALA A 47 -0.34 8.30 -4.08
CA ALA A 47 -0.01 6.96 -4.49
C ALA A 47 0.90 7.07 -5.73
N PRO A 48 1.49 5.97 -6.13
CA PRO A 48 2.39 6.06 -7.29
C PRO A 48 1.66 6.36 -8.59
N ARG A 49 2.43 6.88 -9.54
CA ARG A 49 1.97 7.08 -10.89
C ARG A 49 1.81 5.75 -11.65
N PRO A 50 0.88 5.72 -12.58
CA PRO A 50 0.72 4.52 -13.42
C PRO A 50 2.02 4.05 -14.09
N LEU A 51 2.81 4.96 -14.66
CA LEU A 51 4.05 4.49 -15.31
C LEU A 51 5.05 3.93 -14.34
N GLU A 52 5.03 4.49 -13.15
CA GLU A 52 5.84 3.97 -12.08
C GLU A 52 5.48 2.54 -11.76
N LEU A 53 4.21 2.20 -11.79
CA LEU A 53 3.76 0.82 -11.55
C LEU A 53 4.17 -0.08 -12.68
N VAL A 54 4.05 0.42 -13.91
CA VAL A 54 4.50 -0.38 -15.07
C VAL A 54 5.99 -0.79 -14.91
N LEU A 55 6.84 0.18 -14.65
CA LEU A 55 8.28 -0.02 -14.57
C LEU A 55 8.64 -0.86 -13.34
N THR A 56 7.97 -0.61 -12.23
CA THR A 56 8.12 -1.40 -11.01
C THR A 56 7.76 -2.87 -11.28
N GLY A 57 6.61 -3.09 -11.93
CA GLY A 57 6.18 -4.44 -12.30
C GLY A 57 7.21 -5.15 -13.15
N LEU A 58 7.71 -4.45 -14.16
CA LEU A 58 8.74 -5.03 -15.04
C LEU A 58 9.99 -5.44 -14.31
N GLY A 60 10.05 -6.21 -11.09
CA GLY A 60 9.62 -7.37 -10.34
C GLY A 60 9.61 -8.66 -11.12
N CYS A 61 9.13 -8.61 -12.37
CA CYS A 61 9.06 -9.82 -13.20
C CYS A 61 10.47 -10.44 -13.30
N THR A 62 11.46 -9.62 -13.60
CA THR A 62 12.82 -10.19 -13.77
C THR A 62 13.47 -10.48 -12.42
N GLY A 63 13.24 -9.64 -11.42
CA GLY A 63 13.79 -9.89 -10.07
C GLY A 63 13.30 -11.22 -9.53
N ASP A 65 12.39 -13.84 -11.15
CA ASP A 65 13.06 -14.87 -11.89
C ASP A 65 14.38 -15.12 -11.31
N VAL A 66 15.14 -14.07 -11.12
CA VAL A 66 16.52 -14.23 -10.67
C VAL A 66 16.58 -14.85 -9.29
N VAL A 67 15.78 -14.31 -8.38
CA VAL A 67 15.71 -14.90 -7.00
C VAL A 67 15.36 -16.37 -7.05
N SER A 68 14.30 -16.71 -7.77
CA SER A 68 13.85 -18.09 -7.87
C SER A 68 14.91 -19.01 -8.42
N ILE A 69 15.60 -18.54 -9.45
CA ILE A 69 16.61 -19.31 -10.10
C ILE A 69 17.79 -19.50 -9.18
N LEU A 70 18.26 -18.44 -8.53
CA LEU A 70 19.36 -18.61 -7.60
C LEU A 70 19.02 -19.48 -6.39
N ARG A 71 17.80 -19.40 -5.91
CA ARG A 71 17.36 -20.33 -4.86
C ARG A 71 17.44 -21.74 -5.35
N LYS A 72 16.96 -21.94 -6.57
CA LYS A 72 16.95 -23.24 -7.18
C LYS A 72 18.38 -23.78 -7.31
N LYS A 74 20.74 -23.13 -5.53
CA LYS A 74 21.24 -23.40 -4.19
C LYS A 74 22.41 -22.47 -3.85
N VAL A 75 22.36 -21.23 -4.30
CA VAL A 75 23.37 -20.23 -3.88
C VAL A 75 22.76 -18.98 -3.25
N ILE A 76 21.45 -18.94 -3.10
CA ILE A 76 20.83 -17.73 -2.61
C ILE A 76 21.12 -17.50 -1.12
N ASP A 77 21.41 -18.58 -0.42
CA ASP A 77 21.79 -18.46 0.97
C ASP A 77 23.01 -17.59 1.15
N GLN A 78 23.82 -17.40 0.09
CA GLN A 78 24.98 -16.53 0.13
C GLN A 78 24.66 -15.07 -0.24
N LYS A 80 23.34 -11.54 0.23
CA LYS A 80 22.95 -10.60 1.29
C LYS A 80 22.01 -9.53 0.77
N ASP A 81 22.18 -9.13 -0.48
CA ASP A 81 21.38 -8.07 -1.05
C ASP A 81 21.29 -8.27 -2.57
N PHE A 82 20.18 -7.79 -3.12
CA PHE A 82 19.93 -7.84 -4.53
C PHE A 82 18.98 -6.69 -4.86
N ARG A 83 19.37 -5.91 -5.84
CA ARG A 83 18.45 -4.92 -6.32
C ARG A 83 18.56 -4.79 -7.82
N ILE A 84 17.50 -4.25 -8.40
CA ILE A 84 17.42 -4.00 -9.83
C ILE A 84 17.30 -2.50 -9.97
N GLU A 85 18.01 -1.95 -10.94
CA GLU A 85 17.86 -0.51 -11.29
C GLU A 85 17.46 -0.48 -12.74
N ILE A 86 16.50 0.37 -13.09
CA ILE A 86 16.08 0.51 -14.47
C ILE A 86 16.38 1.92 -14.86
N GLU A 87 16.94 2.07 -16.05
CA GLU A 87 17.34 3.35 -16.62
C GLU A 87 16.71 3.37 -17.99
N TYR A 88 15.95 4.43 -18.29
CA TYR A 88 15.19 4.42 -19.53
C TYR A 88 15.24 5.77 -20.18
N GLU A 89 14.93 5.75 -21.46
CA GLU A 89 14.66 6.95 -22.23
C GLU A 89 13.37 6.77 -22.97
N ARG A 90 12.61 7.83 -23.03
CA ARG A 90 11.29 7.76 -23.54
C ARG A 90 10.99 9.11 -24.17
N THR A 91 10.37 9.10 -25.34
CA THR A 91 10.08 10.35 -26.06
C THR A 91 9.12 11.23 -25.27
N GLU A 92 9.09 12.52 -25.61
CA GLU A 92 8.25 13.50 -24.90
C GLU A 92 6.95 13.73 -25.70
N GLU A 93 7.06 13.71 -27.02
CA GLU A 93 5.91 13.93 -27.90
C GLU A 93 5.11 12.67 -28.07
N HIS A 94 3.79 12.82 -28.23
CA HIS A 94 2.88 11.67 -28.34
C HIS A 94 3.06 11.03 -29.69
N PRO A 95 2.98 9.71 -29.79
CA PRO A 95 2.96 8.73 -28.72
C PRO A 95 4.32 8.65 -28.05
N ARG A 96 4.32 8.59 -26.72
CA ARG A 96 5.54 8.50 -25.99
C ARG A 96 5.94 7.03 -25.97
N ILE A 97 7.11 6.76 -26.51
CA ILE A 97 7.63 5.43 -26.63
C ILE A 97 9.00 5.30 -25.95
N PHE A 98 9.26 4.14 -25.37
CA PHE A 98 10.58 3.82 -24.90
C PHE A 98 11.55 3.69 -26.08
N THR A 99 12.65 4.42 -26.00
CA THR A 99 13.76 4.32 -26.96
C THR A 99 14.99 3.56 -26.40
N LYS A 100 15.17 3.59 -25.07
CA LYS A 100 16.22 2.80 -24.40
C LYS A 100 15.69 2.31 -23.06
N VAL A 101 16.04 1.06 -22.73
CA VAL A 101 15.77 0.45 -21.44
C VAL A 101 17.01 -0.38 -21.11
N HIS A 102 17.57 -0.07 -19.94
CA HIS A 102 18.76 -0.72 -19.40
C HIS A 102 18.42 -1.18 -17.98
N LEU A 103 18.78 -2.43 -17.64
CA LEU A 103 18.53 -2.96 -16.33
C LEU A 103 19.90 -3.31 -15.68
N LYS A 104 20.12 -2.86 -14.45
CA LYS A 104 21.26 -3.26 -13.65
C LYS A 104 20.78 -4.24 -12.60
N TYR A 105 21.44 -5.37 -12.53
CA TYR A 105 21.20 -6.40 -11.54
C TYR A 105 22.38 -6.29 -10.62
N ILE A 106 22.13 -5.85 -9.40
CA ILE A 106 23.19 -5.47 -8.50
C ILE A 106 23.13 -6.36 -7.26
N PHE A 107 24.20 -7.10 -7.01
CA PHE A 107 24.23 -8.12 -5.98
C PHE A 107 25.30 -7.86 -4.94
N LYS A 108 25.00 -8.21 -3.69
CA LYS A 108 25.98 -8.28 -2.64
C LYS A 108 25.99 -9.71 -2.10
N PHE A 109 27.06 -10.45 -2.34
CA PHE A 109 27.19 -11.78 -1.81
C PHE A 109 28.17 -11.86 -0.65
N ASP A 110 27.94 -12.85 0.20
CA ASP A 110 28.90 -13.15 1.23
C ASP A 110 30.02 -13.95 0.58
N GLY A 111 31.23 -13.40 0.53
CA GLY A 111 32.34 -14.11 -0.09
C GLY A 111 32.34 -14.00 -1.61
N GLU A 112 33.12 -14.82 -2.28
CA GLU A 112 33.18 -14.75 -3.74
C GLU A 112 31.80 -15.02 -4.34
N PRO A 113 31.28 -14.11 -5.20
CA PRO A 113 29.95 -14.39 -5.75
C PRO A 113 29.96 -15.60 -6.69
N PRO A 114 28.82 -16.31 -6.76
CA PRO A 114 28.67 -17.42 -7.71
C PRO A 114 28.36 -16.87 -9.12
N LYS A 115 29.39 -16.30 -9.77
CA LYS A 115 29.16 -15.46 -10.95
C LYS A 115 28.58 -16.23 -12.13
N ASP A 116 29.05 -17.45 -12.35
CA ASP A 116 28.49 -18.31 -13.41
C ASP A 116 27.01 -18.58 -13.19
N LYS A 117 26.62 -18.82 -11.96
CA LYS A 117 25.19 -19.04 -11.64
C LYS A 117 24.36 -17.79 -11.83
N VAL A 118 24.90 -16.67 -11.37
CA VAL A 118 24.26 -15.39 -11.47
C VAL A 118 24.06 -14.97 -12.94
N GLU A 119 25.11 -15.12 -13.73
CA GLU A 119 25.09 -14.84 -15.17
C GLU A 119 24.04 -15.71 -15.84
N LYS A 120 23.98 -16.99 -15.47
CA LYS A 120 22.97 -17.89 -16.02
C LYS A 120 21.56 -17.48 -15.60
N ALA A 121 21.35 -17.11 -14.33
CA ALA A 121 20.00 -16.71 -13.88
C ALA A 121 19.52 -15.48 -14.62
N VAL A 122 20.41 -14.51 -14.78
CA VAL A 122 20.04 -13.29 -15.47
C VAL A 122 19.78 -13.51 -16.94
N GLN A 123 20.66 -14.27 -17.59
CA GLN A 123 20.46 -14.58 -19.00
C GLN A 123 19.16 -15.35 -19.22
N LEU A 124 18.88 -16.32 -18.34
CA LEU A 124 17.59 -17.01 -18.37
C LEU A 124 16.42 -16.05 -18.34
N SER A 125 16.37 -15.19 -17.33
CA SER A 125 15.32 -14.16 -17.22
C SER A 125 15.20 -13.27 -18.43
N GLN A 126 16.34 -12.79 -18.90
CA GLN A 126 16.35 -11.79 -19.99
C GLN A 126 16.11 -12.41 -21.37
N GLU A 127 16.72 -13.56 -21.64
CA GLU A 127 16.82 -14.11 -22.99
C GLU A 127 15.93 -15.34 -23.21
N LYS A 128 15.60 -16.08 -22.16
CA LYS A 128 14.74 -17.29 -22.31
C LYS A 128 13.30 -17.00 -21.90
N TYR A 129 13.16 -16.47 -20.72
CA TYR A 129 11.87 -16.08 -20.20
C TYR A 129 11.46 -14.78 -20.88
N CYS A 130 12.42 -13.98 -21.33
CA CYS A 130 12.11 -12.66 -21.91
C CYS A 130 11.18 -11.83 -21.03
N SER A 131 11.45 -11.88 -19.72
CA SER A 131 10.55 -11.35 -18.74
C SER A 131 10.26 -9.84 -18.89
N VAL A 132 11.18 -9.08 -19.47
CA VAL A 132 10.96 -7.66 -19.74
C VAL A 132 10.60 -7.46 -21.21
N SER A 133 11.42 -8.00 -22.10
CA SER A 133 11.26 -7.78 -23.54
C SER A 133 9.99 -8.38 -24.13
N ALA A 134 9.41 -9.40 -23.48
CA ALA A 134 8.19 -9.99 -24.00
C ALA A 134 7.01 -9.02 -23.73
N ILE A 135 7.20 -8.06 -22.83
CA ILE A 135 6.17 -7.14 -22.44
C ILE A 135 6.34 -5.74 -23.02
N LEU A 136 7.54 -5.19 -22.87
CA LEU A 136 7.72 -3.74 -23.07
C LEU A 136 8.27 -3.43 -24.41
N LYS A 137 7.51 -2.65 -25.19
CA LYS A 137 7.99 -2.18 -26.46
C LYS A 137 9.08 -1.16 -26.26
N CYS A 138 10.17 -1.34 -27.00
CA CYS A 138 11.30 -0.46 -26.97
C CYS A 138 11.92 -0.43 -28.37
N SER A 139 12.40 0.72 -28.80
CA SER A 139 12.96 0.85 -30.14
C SER A 139 14.47 0.52 -30.21
N SER A 140 15.00 0.00 -29.13
CA SER A 140 16.27 -0.70 -29.07
C SER A 140 16.14 -1.94 -28.21
N LYS A 141 17.08 -2.87 -28.37
CA LYS A 141 17.10 -4.04 -27.49
C LYS A 141 17.35 -3.63 -26.02
N VAL A 142 16.58 -4.23 -25.10
CA VAL A 142 16.75 -3.99 -23.68
C VAL A 142 18.17 -4.47 -23.31
N THR A 143 18.92 -3.64 -22.62
CA THR A 143 20.27 -3.99 -22.25
C THR A 143 20.29 -4.22 -20.73
N TYR A 144 21.31 -4.93 -20.28
CA TYR A 144 21.43 -5.17 -18.86
C TYR A 144 22.87 -5.41 -18.50
N GLU A 145 23.15 -5.38 -17.20
CA GLU A 145 24.48 -5.65 -16.70
C GLU A 145 24.35 -6.22 -15.30
N ILE A 146 25.44 -6.83 -14.87
CA ILE A 146 25.50 -7.47 -13.57
C ILE A 146 26.64 -6.80 -12.84
N VAL A 147 26.33 -6.30 -11.65
CA VAL A 147 27.23 -5.58 -10.76
C VAL A 147 27.28 -6.29 -9.42
N TYR A 148 28.49 -6.47 -8.89
CA TYR A 148 28.73 -7.00 -7.55
C TYR A 148 29.24 -5.89 -6.64
N GLU A 149 28.62 -5.74 -5.48
CA GLU A 149 29.05 -4.79 -4.47
C GLU A 149 29.57 -5.54 -3.29
N ASN A 150 30.51 -4.96 -2.56
CA ASN A 150 31.09 -5.63 -1.40
C ASN A 150 30.41 -5.22 -0.10
N HIS B 9 18.65 10.42 -9.80
CA HIS B 9 18.98 9.97 -11.18
C HIS B 9 17.72 10.13 -12.08
N HIS B 10 17.87 10.89 -13.17
CA HIS B 10 16.77 11.11 -14.12
C HIS B 10 16.35 9.79 -14.80
N HIS B 11 15.03 9.56 -14.93
CA HIS B 11 14.48 8.38 -15.63
C HIS B 11 15.15 7.11 -15.14
N HIS B 12 15.01 6.90 -13.84
CA HIS B 12 15.68 5.84 -13.16
C HIS B 12 14.84 5.43 -11.96
N GLN B 14 14.47 1.98 -8.85
CA GLN B 14 15.05 0.73 -8.33
C GLN B 14 14.16 -0.08 -7.41
N ALA B 15 14.33 -1.39 -7.49
CA ALA B 15 13.54 -2.35 -6.73
C ALA B 15 14.50 -3.13 -5.86
N ARG B 16 14.22 -3.22 -4.57
CA ARG B 16 15.15 -3.93 -3.67
C ARG B 16 14.49 -5.20 -3.23
N TRP B 17 15.22 -6.30 -3.37
CA TRP B 17 14.80 -7.57 -2.77
C TRP B 17 14.95 -7.44 -1.26
N ILE B 18 13.90 -7.72 -0.52
CA ILE B 18 13.98 -7.63 0.95
C ILE B 18 13.77 -8.98 1.64
N GLY B 19 13.90 -10.04 0.86
CA GLY B 19 13.83 -11.40 1.36
C GLY B 19 12.72 -12.15 0.73
N ASN B 20 12.90 -13.46 0.75
CA ASN B 20 11.98 -14.41 0.15
C ASN B 20 11.72 -14.03 -1.30
N PHE B 23 9.97 -7.67 -3.05
CA PHE B 23 10.71 -6.49 -3.49
C PHE B 23 9.95 -5.21 -3.10
N HIS B 24 10.72 -4.20 -2.75
CA HIS B 24 10.19 -2.92 -2.40
C HIS B 24 10.78 -1.89 -3.33
N VAL B 25 9.95 -0.95 -3.74
CA VAL B 25 10.39 0.21 -4.50
C VAL B 25 9.96 1.47 -3.75
N ARG B 26 10.87 2.42 -3.70
CA ARG B 26 10.52 3.77 -3.37
C ARG B 26 10.51 4.57 -4.69
N THR B 27 9.35 5.01 -5.06
CA THR B 27 9.16 5.68 -6.33
C THR B 27 9.76 7.05 -6.33
N ASP B 28 10.06 7.56 -7.53
CA ASP B 28 10.48 8.94 -7.66
C ASP B 28 9.44 9.90 -7.07
N SER B 29 8.17 9.52 -7.17
CA SER B 29 7.04 10.27 -6.63
C SER B 29 6.97 10.18 -5.09
N ASN B 30 7.86 9.39 -4.50
CA ASN B 30 8.06 9.20 -3.05
C ASN B 30 6.92 8.41 -2.41
N HIS B 31 6.60 7.31 -3.06
CA HIS B 31 5.62 6.37 -2.54
C HIS B 31 6.19 4.97 -2.55
N ASP B 32 5.55 4.10 -1.78
CA ASP B 32 5.96 2.72 -1.63
C ASP B 32 5.23 1.87 -2.64
N VAL B 33 5.99 0.94 -3.18
CA VAL B 33 5.41 -0.16 -3.91
C VAL B 33 6.04 -1.44 -3.37
N LEU B 34 5.20 -2.43 -3.10
CA LEU B 34 5.66 -3.77 -2.75
C LEU B 34 5.15 -4.80 -3.77
N ASP B 36 5.13 -9.30 -4.39
CA ASP B 36 5.35 -10.58 -3.76
C ASP B 36 4.67 -11.61 -4.64
N THR B 37 4.78 -12.85 -4.24
CA THR B 37 4.14 -13.94 -4.96
C THR B 37 3.46 -14.85 -3.97
N LYS B 38 2.91 -15.93 -4.52
CA LYS B 38 2.27 -16.96 -3.72
C LYS B 38 3.31 -17.70 -2.93
N GLU B 39 2.86 -18.25 -1.85
CA GLU B 39 3.68 -19.06 -0.97
C GLU B 39 4.26 -20.28 -1.70
N GLU B 40 3.52 -20.84 -2.66
CA GLU B 40 3.96 -22.07 -3.35
C GLU B 40 5.24 -21.88 -4.16
N VAL B 41 5.50 -20.65 -4.59
CA VAL B 41 6.75 -20.34 -5.28
C VAL B 41 7.78 -19.56 -4.45
N GLY B 42 7.57 -19.49 -3.14
CA GLY B 42 8.52 -18.92 -2.19
C GLY B 42 8.19 -17.56 -1.61
N GLY B 43 7.02 -17.02 -1.94
CA GLY B 43 6.60 -15.70 -1.51
C GLY B 43 5.75 -15.83 -0.23
N LYS B 44 5.17 -14.71 0.18
CA LYS B 44 4.40 -14.63 1.39
C LYS B 44 3.00 -14.10 1.11
N ASP B 45 2.67 -13.97 -0.17
CA ASP B 45 1.38 -13.45 -0.65
C ASP B 45 0.91 -12.21 0.13
N ALA B 46 1.83 -11.27 0.29
CA ALA B 46 1.58 -10.13 1.13
C ALA B 46 1.50 -8.88 0.28
N ALA B 47 1.57 -9.04 -1.05
CA ALA B 47 1.59 -7.91 -1.99
C ALA B 47 1.29 -8.42 -3.39
N PRO B 48 0.93 -7.52 -4.29
CA PRO B 48 0.57 -8.00 -5.65
C PRO B 48 1.73 -8.61 -6.41
N ARG B 49 1.40 -9.42 -7.43
CA ARG B 49 2.37 -9.94 -8.32
C ARG B 49 2.94 -8.82 -9.25
N PRO B 50 4.21 -8.93 -9.64
CA PRO B 50 4.74 -7.99 -10.63
C PRO B 50 3.85 -7.75 -11.84
N LEU B 51 3.29 -8.82 -12.41
CA LEU B 51 2.52 -8.62 -13.64
C LEU B 51 1.23 -7.84 -13.40
N GLU B 52 0.68 -8.02 -12.21
CA GLU B 52 -0.48 -7.30 -11.75
C GLU B 52 -0.16 -5.84 -11.70
N LEU B 53 1.05 -5.49 -11.29
CA LEU B 53 1.46 -4.07 -11.30
C LEU B 53 1.67 -3.51 -12.69
N VAL B 54 2.21 -4.31 -13.59
CA VAL B 54 2.35 -3.91 -14.99
C VAL B 54 0.97 -3.55 -15.51
N LEU B 55 0.03 -4.47 -15.37
CA LEU B 55 -1.28 -4.27 -15.99
C LEU B 55 -2.13 -3.22 -15.29
N THR B 56 -2.02 -3.15 -13.96
CA THR B 56 -2.53 -2.03 -13.25
C THR B 56 -2.03 -0.69 -13.77
N GLY B 57 -0.71 -0.55 -13.92
CA GLY B 57 -0.13 0.68 -14.42
C GLY B 57 -0.70 1.04 -15.78
N LEU B 58 -0.85 0.04 -16.66
CA LEU B 58 -1.35 0.30 -17.99
C LEU B 58 -2.80 0.79 -17.97
N GLY B 60 -4.14 2.35 -15.48
CA GLY B 60 -4.05 3.69 -14.92
C GLY B 60 -3.62 4.70 -15.96
N CYS B 61 -2.69 4.29 -16.83
CA CYS B 61 -2.19 5.19 -17.89
C CYS B 61 -3.32 5.75 -18.72
N THR B 62 -4.16 4.85 -19.20
CA THR B 62 -5.26 5.25 -20.05
C THR B 62 -6.40 5.84 -19.21
N GLY B 63 -6.61 5.35 -17.99
CA GLY B 63 -7.64 5.84 -17.12
C GLY B 63 -7.43 7.29 -16.75
N ASP B 65 -5.68 9.46 -18.58
CA ASP B 65 -5.93 10.22 -19.77
C ASP B 65 -7.40 10.55 -19.85
N VAL B 66 -8.22 9.52 -19.71
CA VAL B 66 -9.65 9.66 -19.92
C VAL B 66 -10.24 10.69 -18.93
N VAL B 67 -9.87 10.54 -17.67
CA VAL B 67 -10.34 11.42 -16.63
C VAL B 67 -9.85 12.84 -16.87
N SER B 68 -8.60 13.01 -17.26
CA SER B 68 -8.06 14.36 -17.47
C SER B 68 -8.79 15.07 -18.61
N ILE B 69 -9.03 14.33 -19.69
CA ILE B 69 -9.60 14.89 -20.89
C ILE B 69 -11.07 15.24 -20.65
N LEU B 70 -11.82 14.37 -19.98
CA LEU B 70 -13.22 14.64 -19.65
C LEU B 70 -13.39 15.82 -18.71
N ARG B 71 -12.45 15.95 -17.79
CA ARG B 71 -12.43 17.10 -16.92
C ARG B 71 -12.13 18.37 -17.75
N LYS B 72 -11.16 18.27 -18.67
CA LYS B 72 -10.79 19.40 -19.51
C LYS B 72 -12.01 19.88 -20.30
N LYS B 74 -15.00 19.49 -19.56
CA LYS B 74 -15.99 20.02 -18.63
C LYS B 74 -17.25 19.16 -18.61
N VAL B 75 -17.07 17.84 -18.62
CA VAL B 75 -18.17 16.89 -18.48
C VAL B 75 -17.98 15.91 -17.36
N ILE B 76 -16.89 16.03 -16.61
CA ILE B 76 -16.60 15.08 -15.57
C ILE B 76 -17.53 15.24 -14.37
N ASP B 77 -18.08 16.44 -14.20
CA ASP B 77 -19.06 16.66 -13.11
C ASP B 77 -20.31 15.84 -13.31
N GLN B 78 -20.53 15.36 -14.52
CA GLN B 78 -21.67 14.49 -14.82
C GLN B 78 -21.36 12.99 -14.59
N LYS B 80 -20.54 9.75 -12.68
CA LYS B 80 -20.67 9.16 -11.36
C LYS B 80 -19.67 8.05 -11.15
N ASP B 81 -19.35 7.31 -12.19
CA ASP B 81 -18.47 6.15 -12.04
C ASP B 81 -17.73 5.97 -13.32
N PHE B 82 -16.55 5.38 -13.20
CA PHE B 82 -15.68 5.08 -14.32
C PHE B 82 -14.76 3.96 -13.88
N ARG B 83 -14.75 2.91 -14.64
CA ARG B 83 -13.79 1.84 -14.42
C ARG B 83 -13.28 1.35 -15.73
N ILE B 84 -12.09 0.78 -15.66
CA ILE B 84 -11.47 0.08 -16.79
C ILE B 84 -11.43 -1.41 -16.45
N GLU B 85 -11.88 -2.24 -17.36
CA GLU B 85 -11.72 -3.67 -17.20
C GLU B 85 -10.84 -4.16 -18.34
N ILE B 86 -9.82 -4.94 -18.02
CA ILE B 86 -8.96 -5.52 -19.03
C ILE B 86 -9.19 -7.00 -19.02
N GLU B 87 -9.22 -7.57 -20.23
CA GLU B 87 -9.39 -8.99 -20.45
C GLU B 87 -8.20 -9.35 -21.30
N TYR B 88 -7.37 -10.29 -20.85
CA TYR B 88 -6.17 -10.66 -21.59
C TYR B 88 -5.90 -12.14 -21.58
N GLU B 89 -5.16 -12.55 -22.59
CA GLU B 89 -4.69 -13.91 -22.73
C GLU B 89 -3.22 -13.84 -22.95
N ARG B 90 -2.53 -14.81 -22.39
CA ARG B 90 -1.10 -14.79 -22.44
C ARG B 90 -0.68 -16.25 -22.52
N THR B 91 0.36 -16.53 -23.29
CA THR B 91 0.83 -17.89 -23.32
C THR B 91 1.46 -18.31 -22.00
N GLU B 92 1.61 -19.61 -21.84
CA GLU B 92 2.08 -20.19 -20.61
C GLU B 92 3.51 -20.69 -20.69
N GLU B 93 3.96 -21.05 -21.88
CA GLU B 93 5.31 -21.56 -22.06
C GLU B 93 6.24 -20.37 -22.32
N HIS B 94 7.47 -20.44 -21.84
CA HIS B 94 8.42 -19.37 -22.11
C HIS B 94 8.74 -19.34 -23.58
N PRO B 95 8.87 -18.15 -24.15
CA PRO B 95 8.65 -16.85 -23.56
C PRO B 95 7.16 -16.51 -23.53
N ARG B 96 6.65 -16.18 -22.36
CA ARG B 96 5.23 -15.91 -22.22
C ARG B 96 4.91 -14.56 -22.89
N ILE B 97 3.93 -14.58 -23.76
CA ILE B 97 3.56 -13.38 -24.49
C ILE B 97 2.08 -13.14 -24.40
N PHE B 98 1.70 -11.86 -24.39
CA PHE B 98 0.27 -11.48 -24.46
C PHE B 98 -0.21 -11.75 -25.85
N THR B 99 -1.31 -12.49 -25.97
CA THR B 99 -1.85 -12.80 -27.28
C THR B 99 -3.12 -12.03 -27.62
N LYS B 100 -3.80 -11.53 -26.62
CA LYS B 100 -5.06 -10.81 -26.79
C LYS B 100 -5.21 -9.88 -25.60
N VAL B 101 -5.61 -8.63 -25.88
CA VAL B 101 -5.80 -7.63 -24.81
C VAL B 101 -6.98 -6.79 -25.21
N HIS B 102 -8.00 -6.76 -24.35
CA HIS B 102 -9.21 -5.96 -24.63
C HIS B 102 -9.52 -5.10 -23.42
N LEU B 103 -9.82 -3.83 -23.65
CA LEU B 103 -10.11 -2.94 -22.56
C LEU B 103 -11.54 -2.46 -22.70
N LYS B 104 -12.27 -2.55 -21.61
CA LYS B 104 -13.58 -1.91 -21.50
C LYS B 104 -13.48 -0.65 -20.68
N TYR B 105 -13.96 0.45 -21.22
CA TYR B 105 -14.09 1.74 -20.53
C TYR B 105 -15.56 1.82 -20.15
N ILE B 106 -15.84 1.75 -18.86
CA ILE B 106 -17.20 1.59 -18.41
C ILE B 106 -17.59 2.79 -17.56
N PHE B 107 -18.63 3.51 -18.01
CA PHE B 107 -19.01 4.80 -17.42
C PHE B 107 -20.42 4.79 -16.91
N LYS B 108 -20.63 5.53 -15.83
CA LYS B 108 -21.97 5.85 -15.38
C LYS B 108 -22.05 7.39 -15.30
N PHE B 109 -22.97 7.96 -16.08
CA PHE B 109 -23.17 9.36 -16.11
C PHE B 109 -24.57 9.64 -15.61
N ASP B 110 -24.75 10.80 -14.99
CA ASP B 110 -26.11 11.37 -14.87
C ASP B 110 -26.59 11.70 -16.25
N GLY B 111 -27.89 11.64 -16.40
CA GLY B 111 -28.58 12.06 -17.61
C GLY B 111 -28.09 11.36 -18.86
N GLU B 112 -28.01 12.10 -19.95
CA GLU B 112 -27.52 11.55 -21.20
C GLU B 112 -26.01 11.63 -21.19
N PRO B 113 -25.36 10.49 -21.38
CA PRO B 113 -23.91 10.51 -21.39
C PRO B 113 -23.38 11.39 -22.53
N PRO B 114 -22.24 12.11 -22.29
CA PRO B 114 -21.64 12.93 -23.33
C PRO B 114 -20.83 12.05 -24.27
N LYS B 115 -21.52 11.27 -25.11
CA LYS B 115 -20.90 10.15 -25.83
C LYS B 115 -19.82 10.62 -26.83
N ASP B 116 -20.06 11.70 -27.54
CA ASP B 116 -19.04 12.24 -28.45
C ASP B 116 -17.73 12.55 -27.71
N LYS B 117 -17.85 13.20 -26.58
CA LYS B 117 -16.69 13.62 -25.82
C LYS B 117 -15.95 12.40 -25.21
N VAL B 118 -16.72 11.46 -24.68
CA VAL B 118 -16.16 10.20 -24.13
C VAL B 118 -15.40 9.41 -25.20
N GLU B 119 -16.00 9.26 -26.37
CA GLU B 119 -15.35 8.60 -27.52
C GLU B 119 -14.05 9.33 -27.87
N LYS B 120 -14.11 10.66 -27.90
CA LYS B 120 -12.94 11.44 -28.24
C LYS B 120 -11.83 11.21 -27.25
N ALA B 121 -12.20 11.17 -25.96
CA ALA B 121 -11.29 11.02 -24.85
C ALA B 121 -10.63 9.66 -24.92
N VAL B 122 -11.45 8.63 -25.17
CA VAL B 122 -10.95 7.27 -25.27
C VAL B 122 -10.11 7.10 -26.55
N GLN B 123 -10.58 7.67 -27.66
CA GLN B 123 -9.83 7.63 -28.92
C GLN B 123 -8.49 8.32 -28.78
N LEU B 124 -8.45 9.46 -28.13
CA LEU B 124 -7.19 10.19 -27.93
C LEU B 124 -6.21 9.32 -27.14
N SER B 125 -6.70 8.77 -26.03
CA SER B 125 -5.86 7.93 -25.19
C SER B 125 -5.35 6.67 -25.95
N GLN B 126 -6.23 6.03 -26.68
CA GLN B 126 -5.87 4.77 -27.35
C GLN B 126 -5.07 5.01 -28.60
N GLU B 127 -5.46 6.03 -29.36
CA GLU B 127 -4.97 6.17 -30.75
C GLU B 127 -3.94 7.28 -30.97
N LYS B 128 -4.01 8.34 -30.17
CA LYS B 128 -3.07 9.47 -30.27
C LYS B 128 -1.93 9.31 -29.29
N TYR B 129 -2.28 9.19 -28.02
CA TYR B 129 -1.30 9.00 -26.96
C TYR B 129 -0.80 7.59 -26.94
N CYS B 130 -1.62 6.66 -27.45
CA CYS B 130 -1.25 5.26 -27.48
C CYS B 130 -0.79 4.80 -26.10
N SER B 131 -1.59 5.10 -25.10
CA SER B 131 -1.12 5.00 -23.75
C SER B 131 -0.90 3.53 -23.37
N VAL B 132 -1.64 2.62 -23.99
CA VAL B 132 -1.43 1.16 -23.75
C VAL B 132 -0.52 0.56 -24.83
N SER B 133 -0.88 0.84 -26.08
CA SER B 133 -0.24 0.24 -27.24
C SER B 133 1.19 0.71 -27.48
N ALA B 134 1.54 1.87 -26.94
CA ALA B 134 2.89 2.34 -27.00
C ALA B 134 3.81 1.47 -26.16
N ILE B 135 3.24 0.81 -25.15
CA ILE B 135 4.01 0.13 -24.12
C ILE B 135 3.95 -1.37 -24.24
N LEU B 136 2.74 -1.89 -24.37
CA LEU B 136 2.49 -3.33 -24.19
C LEU B 136 2.52 -4.11 -25.51
N LYS B 137 3.49 -5.02 -25.62
CA LYS B 137 3.54 -5.99 -26.73
C LYS B 137 2.38 -6.96 -26.66
N CYS B 138 1.74 -7.23 -27.78
CA CYS B 138 0.70 -8.26 -27.85
C CYS B 138 0.67 -8.79 -29.27
N SER B 139 0.36 -10.07 -29.40
CA SER B 139 0.38 -10.69 -30.69
C SER B 139 -0.74 -10.16 -31.61
N SER B 140 -1.80 -9.61 -31.03
CA SER B 140 -2.91 -9.01 -31.76
C SER B 140 -3.08 -7.57 -31.36
N LYS B 141 -3.71 -6.75 -32.20
CA LYS B 141 -3.97 -5.36 -31.82
C LYS B 141 -4.80 -5.28 -30.52
N VAL B 142 -4.40 -4.42 -29.58
CA VAL B 142 -5.18 -4.12 -28.37
C VAL B 142 -6.52 -3.56 -28.84
N THR B 143 -7.61 -4.12 -28.35
CA THR B 143 -8.94 -3.67 -28.73
C THR B 143 -9.58 -3.03 -27.50
N TYR B 144 -10.64 -2.27 -27.75
CA TYR B 144 -11.32 -1.61 -26.67
C TYR B 144 -12.74 -1.30 -27.03
N GLU B 145 -13.54 -1.05 -26.02
CA GLU B 145 -14.91 -0.69 -26.21
C GLU B 145 -15.34 0.26 -25.11
N ILE B 146 -16.45 0.96 -25.36
CA ILE B 146 -17.04 1.86 -24.37
C ILE B 146 -18.38 1.30 -23.97
N VAL B 147 -18.62 1.28 -22.67
CA VAL B 147 -19.87 0.79 -22.11
C VAL B 147 -20.45 1.87 -21.21
N TYR B 148 -21.74 2.07 -21.31
CA TYR B 148 -22.47 2.93 -20.41
C TYR B 148 -23.38 2.14 -19.50
N GLU B 149 -23.28 2.38 -18.19
CA GLU B 149 -24.19 1.78 -17.25
C GLU B 149 -25.10 2.81 -16.58
N ASN B 150 -26.20 2.34 -16.02
CA ASN B 150 -27.14 3.21 -15.32
C ASN B 150 -27.30 2.84 -13.86
N HIS C 11 -15.24 -8.63 17.91
CA HIS C 11 -14.48 -8.65 16.61
C HIS C 11 -13.10 -9.30 16.75
N HIS C 12 -12.53 -9.66 15.59
CA HIS C 12 -11.29 -10.41 15.52
C HIS C 12 -10.44 -9.84 14.40
N GLN C 14 -6.05 -10.39 12.81
CA GLN C 14 -4.75 -11.05 13.00
C GLN C 14 -3.62 -10.53 12.14
N ALA C 15 -2.43 -10.49 12.74
CA ALA C 15 -1.20 -10.05 12.07
C ALA C 15 -0.30 -11.24 11.91
N ARG C 16 0.17 -11.45 10.68
CA ARG C 16 1.00 -12.58 10.33
C ARG C 16 2.44 -12.11 10.20
N TRP C 17 3.34 -12.68 10.98
CA TRP C 17 4.78 -12.48 10.74
C TRP C 17 5.17 -13.14 9.44
N ILE C 18 5.84 -12.37 8.57
CA ILE C 18 6.26 -12.89 7.27
C ILE C 18 7.80 -12.90 7.03
N GLY C 19 8.59 -12.87 8.10
CA GLY C 19 10.03 -12.86 7.99
C GLY C 19 10.57 -11.55 8.51
N ASN C 20 11.81 -11.61 8.99
CA ASN C 20 12.53 -10.46 9.56
C ASN C 20 11.68 -9.73 10.58
N PHE C 23 5.19 -7.69 9.34
CA PHE C 23 3.86 -8.24 9.63
C PHE C 23 2.90 -7.77 8.57
N HIS C 24 2.01 -8.67 8.19
CA HIS C 24 0.98 -8.45 7.20
C HIS C 24 -0.34 -8.76 7.86
N VAL C 25 -1.29 -7.87 7.65
CA VAL C 25 -2.66 -8.04 8.07
C VAL C 25 -3.56 -7.94 6.83
N ARG C 26 -4.50 -8.87 6.72
CA ARG C 26 -5.69 -8.67 5.92
C ARG C 26 -6.80 -8.26 6.84
N THR C 27 -7.28 -7.04 6.63
CA THR C 27 -8.31 -6.42 7.47
C THR C 27 -9.65 -7.05 7.20
N ASP C 28 -10.61 -6.83 8.10
CA ASP C 28 -12.00 -7.20 7.84
C ASP C 28 -12.59 -6.50 6.63
N SER C 29 -12.17 -5.25 6.44
CA SER C 29 -12.47 -4.46 5.25
C SER C 29 -11.90 -5.02 3.95
N ASN C 30 -11.03 -6.03 4.04
CA ASN C 30 -10.43 -6.70 2.88
C ASN C 30 -9.32 -5.87 2.22
N HIS C 31 -8.45 -5.28 3.04
CA HIS C 31 -7.34 -4.51 2.55
C HIS C 31 -6.04 -4.99 3.17
N ASP C 32 -4.91 -4.66 2.55
CA ASP C 32 -3.59 -5.05 3.08
C ASP C 32 -3.13 -4.01 4.06
N VAL C 33 -2.48 -4.47 5.12
CA VAL C 33 -1.65 -3.59 5.95
C VAL C 33 -0.31 -4.30 6.16
N LEU C 34 0.79 -3.59 5.89
CA LEU C 34 2.11 -4.07 6.24
C LEU C 34 2.80 -3.14 7.23
N ASP C 36 6.74 -2.69 9.37
CA ASP C 36 8.14 -3.04 9.30
C ASP C 36 8.82 -2.06 10.19
N THR C 37 10.11 -2.23 10.36
CA THR C 37 10.89 -1.30 11.10
C THR C 37 12.23 -1.05 10.42
N LYS C 38 13.04 -0.23 11.07
CA LYS C 38 14.41 0.12 10.62
C LYS C 38 15.29 -1.09 10.49
N GLU C 39 16.23 -1.04 9.57
CA GLU C 39 17.16 -2.16 9.37
C GLU C 39 18.03 -2.40 10.60
N GLU C 40 18.30 -1.32 11.33
CA GLU C 40 19.09 -1.30 12.56
C GLU C 40 18.61 -2.30 13.62
N VAL C 41 17.30 -2.53 13.67
CA VAL C 41 16.69 -3.49 14.62
C VAL C 41 16.10 -4.76 13.96
N GLY C 42 16.53 -5.06 12.75
CA GLY C 42 16.14 -6.31 12.07
C GLY C 42 15.14 -6.20 10.94
N GLY C 43 14.67 -4.99 10.62
CA GLY C 43 13.67 -4.80 9.57
C GLY C 43 14.25 -4.47 8.21
N LYS C 44 13.38 -4.13 7.28
CA LYS C 44 13.78 -3.83 5.91
C LYS C 44 13.33 -2.44 5.47
N ASP C 45 12.91 -1.61 6.42
CA ASP C 45 12.31 -0.30 6.20
C ASP C 45 11.39 -0.27 4.96
N ALA C 46 10.48 -1.23 4.87
CA ALA C 46 9.66 -1.40 3.63
C ALA C 46 8.21 -1.08 3.85
N ALA C 47 7.90 -0.58 5.04
CA ALA C 47 6.53 -0.26 5.45
C ALA C 47 6.55 0.55 6.73
N PRO C 48 5.38 1.13 7.12
CA PRO C 48 5.31 1.92 8.34
C PRO C 48 5.56 1.16 9.63
N ARG C 49 5.97 1.88 10.67
CA ARG C 49 6.17 1.29 12.00
C ARG C 49 4.78 1.09 12.64
N PRO C 50 4.64 0.05 13.48
CA PRO C 50 3.38 -0.12 14.21
C PRO C 50 2.84 1.12 14.90
N LEU C 51 3.68 1.83 15.66
CA LEU C 51 3.23 3.05 16.35
C LEU C 51 2.79 4.15 15.39
N GLU C 52 3.41 4.21 14.20
CA GLU C 52 2.94 5.13 13.16
C GLU C 52 1.51 4.80 12.75
N LEU C 53 1.21 3.51 12.67
CA LEU C 53 -0.15 3.09 12.34
C LEU C 53 -1.16 3.40 13.42
N VAL C 54 -0.75 3.22 14.67
CA VAL C 54 -1.62 3.54 15.78
C VAL C 54 -1.96 5.04 15.68
N LEU C 55 -0.95 5.88 15.55
CA LEU C 55 -1.18 7.31 15.55
C LEU C 55 -1.91 7.82 14.32
N THR C 56 -1.58 7.25 13.14
CA THR C 56 -2.31 7.55 11.92
C THR C 56 -3.77 7.14 12.04
N GLY C 57 -4.03 5.94 12.60
CA GLY C 57 -5.40 5.48 12.81
C GLY C 57 -6.19 6.44 13.67
N LEU C 58 -5.58 6.87 14.76
CA LEU C 58 -6.22 7.86 15.65
C LEU C 58 -6.59 9.18 14.95
N GLY C 60 -7.08 9.55 11.82
CA GLY C 60 -8.12 9.19 10.85
C GLY C 60 -9.48 9.05 11.52
N CYS C 61 -9.51 8.46 12.70
CA CYS C 61 -10.77 8.32 13.42
C CYS C 61 -11.42 9.67 13.58
N THR C 62 -10.68 10.63 14.12
CA THR C 62 -11.27 11.95 14.35
C THR C 62 -11.47 12.69 13.03
N GLY C 63 -10.52 12.56 12.12
CA GLY C 63 -10.62 13.25 10.82
C GLY C 63 -11.90 12.88 10.10
N ASP C 65 -14.68 11.67 11.47
CA ASP C 65 -15.78 12.31 12.22
C ASP C 65 -16.07 13.70 11.68
N VAL C 66 -15.02 14.50 11.63
CA VAL C 66 -15.13 15.91 11.29
C VAL C 66 -15.57 16.07 9.85
N VAL C 67 -15.03 15.27 8.94
CA VAL C 67 -15.49 15.36 7.55
C VAL C 67 -16.98 15.00 7.44
N SER C 68 -17.35 13.93 8.14
CA SER C 68 -18.69 13.40 8.11
C SER C 68 -19.66 14.45 8.60
N ILE C 69 -19.33 15.06 9.72
CA ILE C 69 -20.18 16.08 10.34
C ILE C 69 -20.30 17.32 9.46
N LEU C 70 -19.15 17.83 9.01
CA LEU C 70 -19.16 18.99 8.12
C LEU C 70 -19.95 18.75 6.86
N ARG C 71 -20.00 17.51 6.38
CA ARG C 71 -20.75 17.18 5.14
C ARG C 71 -22.27 17.18 5.46
N LYS C 72 -22.62 16.64 6.63
CA LYS C 72 -24.01 16.66 7.11
C LYS C 72 -24.50 18.11 7.24
N LYS C 74 -23.43 20.57 5.59
CA LYS C 74 -23.57 21.17 4.26
C LYS C 74 -22.60 22.33 4.03
N VAL C 75 -21.36 22.18 4.50
CA VAL C 75 -20.31 23.17 4.28
C VAL C 75 -19.00 22.56 3.80
N ILE C 76 -18.96 21.25 3.59
CA ILE C 76 -17.76 20.63 3.10
C ILE C 76 -17.41 21.08 1.67
N ASP C 77 -18.42 21.52 0.91
CA ASP C 77 -18.18 22.05 -0.44
C ASP C 77 -17.26 23.29 -0.42
N GLN C 78 -17.26 24.01 0.71
CA GLN C 78 -16.43 25.18 0.88
C GLN C 78 -15.03 24.86 1.41
N LYS C 80 -11.46 23.54 1.23
CA LYS C 80 -10.43 23.27 0.24
C LYS C 80 -9.45 22.23 0.75
N ASP C 81 -9.15 22.33 2.04
CA ASP C 81 -8.13 21.47 2.65
C ASP C 81 -8.44 21.24 4.11
N PHE C 82 -7.99 20.10 4.59
CA PHE C 82 -8.15 19.73 5.98
C PHE C 82 -7.07 18.75 6.33
N ARG C 83 -6.35 19.04 7.39
CA ARG C 83 -5.41 18.09 7.89
C ARG C 83 -5.35 18.13 9.38
N ILE C 84 -4.78 17.07 9.91
CA ILE C 84 -4.62 16.91 11.32
C ILE C 84 -3.16 16.70 11.57
N GLU C 85 -2.65 17.40 12.58
CA GLU C 85 -1.30 17.14 13.05
C GLU C 85 -1.43 16.74 14.51
N ILE C 86 -0.52 15.89 14.92
CA ILE C 86 -0.51 15.40 16.29
C ILE C 86 0.86 15.70 16.87
N GLU C 87 0.87 16.38 18.02
CA GLU C 87 2.10 16.59 18.73
C GLU C 87 1.99 15.77 19.99
N TYR C 88 3.01 14.97 20.28
CA TYR C 88 2.96 14.16 21.46
C TYR C 88 4.29 14.07 22.19
N GLU C 89 4.21 13.74 23.46
CA GLU C 89 5.37 13.33 24.23
C GLU C 89 5.10 11.95 24.74
N ARG C 90 6.16 11.15 24.76
CA ARG C 90 6.05 9.79 25.18
C ARG C 90 7.33 9.43 25.91
N THR C 91 7.19 8.83 27.08
CA THR C 91 8.37 8.52 27.91
C THR C 91 9.41 7.62 27.15
N GLU C 92 10.62 7.59 27.67
CA GLU C 92 11.71 6.83 27.05
C GLU C 92 11.90 5.49 27.79
N GLU C 93 11.79 5.49 29.11
CA GLU C 93 11.95 4.23 29.84
C GLU C 93 10.67 3.39 29.82
N HIS C 94 10.84 2.06 29.79
CA HIS C 94 9.70 1.15 29.78
C HIS C 94 9.01 1.21 31.13
N PRO C 95 7.67 1.15 31.14
CA PRO C 95 6.79 1.08 29.99
C PRO C 95 6.64 2.48 29.43
N ARG C 96 6.87 2.61 28.13
CA ARG C 96 6.78 3.90 27.46
C ARG C 96 5.29 4.27 27.37
N ILE C 97 4.97 5.50 27.78
CA ILE C 97 3.59 5.95 27.83
C ILE C 97 3.51 7.31 27.21
N PHE C 98 2.34 7.63 26.70
CA PHE C 98 2.07 8.95 26.19
C PHE C 98 1.75 9.84 27.36
N THR C 99 2.45 10.95 27.44
CA THR C 99 2.26 11.87 28.54
C THR C 99 1.47 13.10 28.10
N LYS C 100 1.63 13.48 26.84
CA LYS C 100 1.00 14.67 26.31
C LYS C 100 0.60 14.36 24.88
N VAL C 101 -0.63 14.71 24.52
CA VAL C 101 -1.07 14.64 23.12
C VAL C 101 -1.88 15.86 22.81
N HIS C 102 -1.50 16.51 21.71
CA HIS C 102 -2.16 17.71 21.26
C HIS C 102 -2.40 17.60 19.76
N LEU C 103 -3.62 17.88 19.34
CA LEU C 103 -3.96 17.78 17.94
C LEU C 103 -4.27 19.14 17.41
N LYS C 104 -3.84 19.40 16.18
CA LYS C 104 -4.24 20.59 15.46
C LYS C 104 -5.10 20.09 14.32
N TYR C 105 -6.29 20.67 14.23
CA TYR C 105 -7.16 20.55 13.08
C TYR C 105 -6.98 21.81 12.25
N ILE C 106 -6.40 21.65 11.07
CA ILE C 106 -6.02 22.76 10.22
C ILE C 106 -6.87 22.77 8.95
N PHE C 107 -7.61 23.87 8.76
CA PHE C 107 -8.60 23.95 7.70
C PHE C 107 -8.25 25.09 6.75
N LYS C 108 -8.61 24.89 5.49
CA LYS C 108 -8.64 25.97 4.53
C LYS C 108 -10.00 25.92 3.89
N PHE C 109 -10.74 27.03 3.96
CA PHE C 109 -12.05 27.16 3.36
C PHE C 109 -12.00 28.23 2.27
N ASP C 110 -12.87 28.08 1.28
CA ASP C 110 -13.16 29.16 0.33
C ASP C 110 -14.05 30.16 1.04
N GLY C 111 -13.63 31.41 1.06
CA GLY C 111 -14.36 32.45 1.76
C GLY C 111 -14.21 32.29 3.26
N GLU C 112 -15.09 32.95 4.00
CA GLU C 112 -15.00 32.97 5.45
C GLU C 112 -15.27 31.56 5.96
N PRO C 113 -14.37 31.03 6.81
CA PRO C 113 -14.69 29.72 7.38
C PRO C 113 -16.03 29.72 8.15
N PRO C 114 -16.79 28.62 8.05
CA PRO C 114 -17.98 28.49 8.88
C PRO C 114 -17.55 28.05 10.27
N LYS C 115 -16.97 28.98 11.03
CA LYS C 115 -16.21 28.65 12.26
C LYS C 115 -17.02 27.98 13.36
N ASP C 116 -18.26 28.40 13.54
CA ASP C 116 -19.12 27.76 14.52
C ASP C 116 -19.35 26.27 14.19
N LYS C 117 -19.62 25.99 12.92
CA LYS C 117 -19.89 24.63 12.50
C LYS C 117 -18.65 23.80 12.66
N VAL C 118 -17.49 24.38 12.32
CA VAL C 118 -16.21 23.67 12.44
C VAL C 118 -15.90 23.38 13.90
N GLU C 119 -16.15 24.36 14.78
CA GLU C 119 -15.90 24.16 16.20
C GLU C 119 -16.80 23.07 16.76
N LYS C 120 -18.05 23.05 16.31
CA LYS C 120 -19.04 22.06 16.72
C LYS C 120 -18.67 20.65 16.30
N ALA C 121 -18.20 20.51 15.05
CA ALA C 121 -17.81 19.23 14.48
C ALA C 121 -16.64 18.66 15.23
N VAL C 122 -15.61 19.49 15.43
CA VAL C 122 -14.42 19.12 16.18
C VAL C 122 -14.80 18.81 17.65
N GLN C 123 -15.74 19.56 18.22
CA GLN C 123 -16.26 19.27 19.57
C GLN C 123 -16.96 17.95 19.66
N LEU C 124 -17.82 17.68 18.69
CA LEU C 124 -18.50 16.38 18.62
C LEU C 124 -17.50 15.24 18.58
N SER C 125 -16.51 15.35 17.71
CA SER C 125 -15.51 14.29 17.61
C SER C 125 -14.72 14.13 18.88
N GLN C 126 -14.22 15.26 19.42
CA GLN C 126 -13.40 15.22 20.62
C GLN C 126 -14.15 14.84 21.89
N GLU C 127 -15.37 15.33 22.07
CA GLU C 127 -16.07 15.33 23.36
C GLU C 127 -17.28 14.39 23.41
N LYS C 128 -17.96 14.17 22.28
CA LYS C 128 -19.18 13.38 22.29
C LYS C 128 -18.85 11.97 21.81
N TYR C 129 -18.10 11.89 20.73
CA TYR C 129 -17.65 10.61 20.20
C TYR C 129 -16.37 10.18 20.91
N CYS C 130 -15.58 11.15 21.37
CA CYS C 130 -14.30 10.89 22.02
C CYS C 130 -13.49 9.97 21.17
N SER C 131 -13.49 10.23 19.88
CA SER C 131 -12.89 9.26 18.95
C SER C 131 -11.41 8.95 19.21
N VAL C 132 -10.62 9.94 19.62
CA VAL C 132 -9.22 9.69 20.03
C VAL C 132 -9.12 9.23 21.50
N SER C 133 -9.73 10.02 22.38
CA SER C 133 -9.63 9.81 23.83
C SER C 133 -10.27 8.52 24.33
N ALA C 134 -11.24 7.97 23.60
CA ALA C 134 -11.81 6.66 23.96
C ALA C 134 -10.84 5.51 23.74
N ILE C 135 -9.80 5.74 22.94
CA ILE C 135 -8.87 4.72 22.51
C ILE C 135 -7.48 4.85 23.14
N LEU C 136 -6.95 6.06 23.06
CA LEU C 136 -5.54 6.30 23.38
C LEU C 136 -5.41 6.59 24.86
N LYS C 137 -4.58 5.79 25.54
CA LYS C 137 -4.15 6.09 26.91
C LYS C 137 -3.10 7.18 26.88
N CYS C 138 -3.37 8.24 27.65
CA CYS C 138 -2.45 9.33 27.77
C CYS C 138 -2.58 9.86 29.20
N SER C 139 -1.46 10.21 29.82
CA SER C 139 -1.50 10.51 31.26
C SER C 139 -2.17 11.81 31.55
N SER C 140 -2.23 12.69 30.55
CA SER C 140 -2.92 13.97 30.62
C SER C 140 -4.02 13.94 29.58
N LYS C 141 -4.98 14.83 29.72
CA LYS C 141 -6.05 14.95 28.76
C LYS C 141 -5.57 15.46 27.41
N VAL C 142 -6.02 14.76 26.37
CA VAL C 142 -5.71 15.15 25.02
C VAL C 142 -6.28 16.54 24.84
N THR C 143 -5.45 17.44 24.33
CA THR C 143 -5.83 18.79 24.02
C THR C 143 -5.86 18.95 22.50
N TYR C 144 -6.48 20.02 22.04
CA TYR C 144 -6.59 20.23 20.61
C TYR C 144 -6.91 21.64 20.31
N GLU C 145 -6.57 22.06 19.11
CA GLU C 145 -6.94 23.37 18.63
C GLU C 145 -7.37 23.29 17.18
N ILE C 146 -8.04 24.36 16.76
CA ILE C 146 -8.39 24.57 15.39
C ILE C 146 -7.55 25.71 14.86
N VAL C 147 -6.88 25.46 13.74
CA VAL C 147 -6.14 26.46 12.97
C VAL C 147 -6.83 26.67 11.61
N TYR C 148 -6.99 27.91 11.16
CA TYR C 148 -7.41 28.18 9.79
C TYR C 148 -6.25 28.76 8.97
N GLU C 149 -6.13 28.34 7.72
CA GLU C 149 -5.13 28.86 6.81
C GLU C 149 -5.87 29.48 5.63
N ASN C 150 -5.24 30.46 5.01
CA ASN C 150 -5.82 31.18 3.88
C ASN C 150 -5.31 30.62 2.57
N GLN D 14 1.20 13.84 10.34
CA GLN D 14 0.16 14.69 9.72
C GLN D 14 -0.75 13.94 8.72
N ALA D 15 -2.04 13.89 9.02
CA ALA D 15 -3.02 13.27 8.14
C ALA D 15 -3.73 14.29 7.30
N ARG D 16 -3.71 14.05 6.01
CA ARG D 16 -4.22 14.96 5.02
C ARG D 16 -5.48 14.36 4.42
N TRP D 17 -6.58 15.11 4.51
CA TRP D 17 -7.80 14.75 3.78
C TRP D 17 -7.56 14.94 2.29
N ILE D 18 -7.87 13.95 1.48
CA ILE D 18 -7.68 14.06 0.03
C ILE D 18 -9.00 13.87 -0.73
N GLY D 19 -10.10 13.99 -0.01
CA GLY D 19 -11.43 13.98 -0.58
C GLY D 19 -12.22 12.82 -0.07
N ASN D 20 -13.54 12.96 -0.24
CA ASN D 20 -14.51 12.00 0.23
C ASN D 20 -14.21 11.67 1.68
N PHE D 23 -7.98 9.73 3.83
CA PHE D 23 -6.84 10.42 4.39
C PHE D 23 -5.55 9.73 4.00
N HIS D 24 -4.53 10.56 3.75
CA HIS D 24 -3.19 10.13 3.46
C HIS D 24 -2.22 10.71 4.46
N VAL D 25 -1.27 9.87 4.88
CA VAL D 25 -0.17 10.25 5.73
C VAL D 25 1.15 9.83 5.07
N ARG D 26 2.14 10.71 5.11
CA ARG D 26 3.52 10.31 4.86
C ARG D 26 4.12 10.17 6.23
N THR D 27 4.48 8.95 6.60
CA THR D 27 4.97 8.70 7.97
C THR D 27 6.34 9.30 8.19
N ASP D 28 6.78 9.39 9.45
CA ASP D 28 8.16 9.84 9.73
C ASP D 28 9.19 8.92 9.15
N SER D 29 8.85 7.64 9.07
CA SER D 29 9.68 6.61 8.44
C SER D 29 9.68 6.65 6.91
N ASN D 30 8.93 7.60 6.34
CA ASN D 30 8.86 7.88 4.90
C ASN D 30 8.11 6.83 4.10
N HIS D 31 6.92 6.50 4.57
CA HIS D 31 6.04 5.50 3.96
C HIS D 31 4.63 6.02 3.89
N ASP D 32 3.82 5.42 3.04
CA ASP D 32 2.46 5.85 2.80
C ASP D 32 1.55 5.16 3.76
N VAL D 33 0.57 5.90 4.27
CA VAL D 33 -0.59 5.29 4.90
C VAL D 33 -1.83 5.94 4.31
N LEU D 34 -2.77 5.13 3.86
CA LEU D 34 -4.06 5.61 3.39
C LEU D 34 -5.13 5.01 4.29
N ASP D 36 -9.57 4.84 4.60
CA ASP D 36 -10.85 5.03 3.92
C ASP D 36 -11.92 4.30 4.73
N THR D 37 -13.16 4.45 4.29
CA THR D 37 -14.24 3.78 4.90
C THR D 37 -15.21 3.28 3.83
N LYS D 38 -16.31 2.71 4.30
CA LYS D 38 -17.31 2.09 3.45
C LYS D 38 -18.01 3.18 2.67
N GLU D 39 -18.50 2.80 1.49
CA GLU D 39 -19.22 3.72 0.61
C GLU D 39 -20.49 4.23 1.25
N GLU D 40 -21.12 3.39 2.07
CA GLU D 40 -22.37 3.78 2.75
C GLU D 40 -22.22 5.02 3.61
N VAL D 41 -21.01 5.32 4.08
CA VAL D 41 -20.76 6.52 4.89
C VAL D 41 -19.89 7.57 4.19
N GLY D 42 -19.78 7.46 2.87
CA GLY D 42 -19.16 8.46 2.02
C GLY D 42 -17.78 8.10 1.50
N GLY D 43 -17.28 6.94 1.89
CA GLY D 43 -15.95 6.48 1.45
C GLY D 43 -15.96 5.83 0.09
N LYS D 44 -14.80 5.27 -0.27
CA LYS D 44 -14.64 4.57 -1.52
C LYS D 44 -14.07 3.18 -1.29
N ASP D 45 -14.04 2.72 -0.03
CA ASP D 45 -13.48 1.44 0.40
C ASP D 45 -12.19 1.08 -0.37
N ALA D 46 -11.21 1.97 -0.32
CA ALA D 46 -10.01 1.78 -1.12
C ALA D 46 -8.82 1.69 -0.21
N ALA D 47 -9.06 1.58 1.10
CA ALA D 47 -8.01 1.51 2.07
C ALA D 47 -8.62 1.11 3.42
N PRO D 48 -7.78 0.66 4.36
CA PRO D 48 -8.26 0.25 5.68
C PRO D 48 -8.94 1.35 6.46
N ARG D 49 -9.87 0.93 7.33
CA ARG D 49 -10.48 1.83 8.30
C ARG D 49 -9.47 2.33 9.33
N PRO D 50 -9.63 3.60 9.77
CA PRO D 50 -8.74 4.06 10.85
C PRO D 50 -8.61 3.11 12.05
N LEU D 51 -9.72 2.58 12.59
CA LEU D 51 -9.60 1.68 13.75
C LEU D 51 -8.84 0.42 13.39
N GLU D 52 -8.99 -0.06 12.16
CA GLU D 52 -8.19 -1.23 11.70
C GLU D 52 -6.72 -0.96 11.78
N LEU D 53 -6.31 0.25 11.44
CA LEU D 53 -4.91 0.62 11.56
C LEU D 53 -4.50 0.71 13.00
N VAL D 54 -5.38 1.23 13.87
CA VAL D 54 -5.04 1.28 15.29
C VAL D 54 -4.78 -0.13 15.81
N LEU D 55 -5.70 -1.03 15.56
CA LEU D 55 -5.58 -2.40 16.05
C LEU D 55 -4.43 -3.15 15.41
N THR D 56 -4.25 -2.92 14.11
CA THR D 56 -3.08 -3.45 13.41
C THR D 56 -1.76 -2.99 14.05
N GLY D 57 -1.64 -1.68 14.28
CA GLY D 57 -0.47 -1.11 14.89
C GLY D 57 -0.19 -1.71 16.25
N LEU D 58 -1.23 -1.86 17.06
CA LEU D 58 -1.08 -2.50 18.37
C LEU D 58 -0.53 -3.93 18.31
N GLY D 60 1.17 -5.15 15.83
CA GLY D 60 2.52 -4.98 15.34
C GLY D 60 3.47 -4.60 16.45
N CYS D 61 3.08 -3.69 17.33
CA CYS D 61 3.92 -3.29 18.47
C CYS D 61 4.41 -4.49 19.27
N THR D 62 3.49 -5.31 19.76
CA THR D 62 3.85 -6.50 20.57
C THR D 62 4.45 -7.60 19.65
N GLY D 63 3.95 -7.78 18.43
CA GLY D 63 4.55 -8.75 17.52
C GLY D 63 6.03 -8.51 17.28
N ASP D 65 8.07 -6.87 19.31
CA ASP D 65 8.72 -7.16 20.55
C ASP D 65 9.16 -8.59 20.59
N VAL D 66 8.21 -9.47 20.29
CA VAL D 66 8.39 -10.89 20.50
C VAL D 66 9.41 -11.43 19.50
N VAL D 67 9.29 -11.05 18.24
CA VAL D 67 10.24 -11.46 17.25
C VAL D 67 11.65 -11.01 17.61
N SER D 68 11.80 -9.76 18.04
CA SER D 68 13.12 -9.24 18.36
C SER D 68 13.77 -9.99 19.54
N ILE D 69 13.01 -10.11 20.63
CA ILE D 69 13.48 -10.81 21.85
C ILE D 69 13.80 -12.26 21.52
N LEU D 70 12.95 -12.95 20.74
CA LEU D 70 13.22 -14.37 20.42
C LEU D 70 14.47 -14.53 19.60
N ARG D 71 14.75 -13.54 18.73
CA ARG D 71 15.98 -13.51 17.94
C ARG D 71 17.23 -13.28 18.82
N LYS D 72 17.16 -12.32 19.74
CA LYS D 72 18.24 -12.03 20.65
C LYS D 72 18.46 -13.22 21.60
N LYS D 74 18.22 -16.16 20.58
CA LYS D 74 18.77 -17.17 19.66
C LYS D 74 17.88 -18.41 19.48
N VAL D 75 16.56 -18.19 19.44
CA VAL D 75 15.60 -19.27 19.16
C VAL D 75 14.69 -19.05 17.93
N ILE D 76 14.90 -17.97 17.22
CA ILE D 76 13.97 -17.59 16.16
C ILE D 76 14.20 -18.43 14.91
N ASP D 77 15.38 -19.04 14.82
CA ASP D 77 15.73 -19.86 13.65
C ASP D 77 14.86 -21.10 13.52
N GLN D 78 14.24 -21.51 14.62
CA GLN D 78 13.38 -22.70 14.63
C GLN D 78 11.92 -22.31 14.50
N LYS D 80 8.80 -21.24 12.55
CA LYS D 80 8.29 -21.37 11.20
C LYS D 80 7.11 -20.43 10.97
N ASP D 81 6.35 -20.15 12.03
CA ASP D 81 5.19 -19.24 11.93
C ASP D 81 4.96 -18.55 13.24
N PHE D 82 4.41 -17.33 13.14
CA PHE D 82 3.99 -16.53 14.26
C PHE D 82 2.94 -15.55 13.79
N ARG D 83 1.84 -15.50 14.49
CA ARG D 83 0.82 -14.51 14.21
C ARG D 83 0.23 -14.09 15.51
N ILE D 84 -0.35 -12.90 15.51
CA ILE D 84 -1.12 -12.44 16.66
C ILE D 84 -2.58 -12.33 16.27
N GLU D 85 -3.49 -12.78 17.14
CA GLU D 85 -4.89 -12.50 17.00
C GLU D 85 -5.34 -11.66 18.14
N ILE D 86 -6.19 -10.69 17.85
CA ILE D 86 -6.79 -9.85 18.86
C ILE D 86 -8.28 -10.13 18.84
N GLU D 87 -8.86 -10.37 20.00
CA GLU D 87 -10.27 -10.57 20.14
C GLU D 87 -10.66 -9.43 21.04
N TYR D 88 -11.63 -8.62 20.63
CA TYR D 88 -12.09 -7.52 21.46
C TYR D 88 -13.59 -7.33 21.45
N GLU D 89 -14.06 -6.62 22.48
CA GLU D 89 -15.45 -6.20 22.61
C GLU D 89 -15.38 -4.68 22.75
N ARG D 90 -16.25 -3.98 22.05
CA ARG D 90 -16.28 -2.51 22.10
C ARG D 90 -17.73 -2.09 22.04
N THR D 91 -18.08 -1.01 22.73
CA THR D 91 -19.48 -0.57 22.83
C THR D 91 -19.94 0.02 21.51
N GLU D 92 -21.26 0.17 21.40
CA GLU D 92 -21.90 0.71 20.20
C GLU D 92 -22.23 2.17 20.39
N GLU D 93 -22.77 2.50 21.56
CA GLU D 93 -23.11 3.88 21.86
C GLU D 93 -21.85 4.72 22.02
N HIS D 94 -21.94 5.97 21.57
CA HIS D 94 -20.90 6.95 21.80
C HIS D 94 -20.86 7.32 23.28
N PRO D 95 -19.65 7.47 23.87
CA PRO D 95 -18.34 7.27 23.28
C PRO D 95 -18.05 5.79 23.23
N ARG D 96 -17.69 5.26 22.06
CA ARG D 96 -17.46 3.82 21.95
C ARG D 96 -16.14 3.46 22.62
N ILE D 97 -16.15 2.47 23.50
CA ILE D 97 -14.97 2.12 24.27
C ILE D 97 -14.71 0.65 24.18
N PHE D 98 -13.45 0.27 24.33
CA PHE D 98 -13.11 -1.14 24.45
C PHE D 98 -13.40 -1.62 25.84
N THR D 99 -14.17 -2.68 25.94
CA THR D 99 -14.49 -3.23 27.25
C THR D 99 -13.68 -4.50 27.53
N LYS D 100 -13.25 -5.19 26.48
CA LYS D 100 -12.41 -6.38 26.61
C LYS D 100 -11.48 -6.51 25.40
N VAL D 101 -10.23 -6.86 25.68
CA VAL D 101 -9.20 -7.08 24.68
C VAL D 101 -8.35 -8.27 25.10
N HIS D 102 -8.27 -9.26 24.21
CA HIS D 102 -7.49 -10.46 24.42
C HIS D 102 -6.61 -10.75 23.20
N LEU D 103 -5.32 -10.97 23.47
CA LEU D 103 -4.36 -11.27 22.45
C LEU D 103 -3.89 -12.71 22.50
N LYS D 104 -3.89 -13.32 21.33
CA LYS D 104 -3.39 -14.67 21.17
C LYS D 104 -2.11 -14.56 20.35
N TYR D 105 -1.03 -15.07 20.93
CA TYR D 105 0.27 -15.19 20.29
C TYR D 105 0.38 -16.63 19.81
N ILE D 106 0.32 -16.85 18.49
CA ILE D 106 0.24 -18.22 17.99
C ILE D 106 1.51 -18.57 17.22
N PHE D 107 2.20 -19.63 17.64
CA PHE D 107 3.50 -19.99 17.13
C PHE D 107 3.53 -21.35 16.55
N LYS D 108 4.32 -21.52 15.50
CA LYS D 108 4.68 -22.84 15.02
C LYS D 108 6.20 -22.96 15.03
N PHE D 109 6.70 -23.96 15.74
CA PHE D 109 8.13 -24.24 15.78
C PHE D 109 8.48 -25.60 15.14
N ASP D 110 9.64 -25.64 14.47
CA ASP D 110 10.30 -26.90 14.11
C ASP D 110 10.80 -27.57 15.39
N GLY D 111 10.35 -28.80 15.63
CA GLY D 111 10.62 -29.52 16.87
C GLY D 111 9.93 -28.91 18.09
N GLU D 112 10.44 -29.25 19.27
CA GLU D 112 9.84 -28.79 20.51
C GLU D 112 10.05 -27.30 20.65
N PRO D 113 8.96 -26.54 20.87
CA PRO D 113 9.13 -25.09 21.03
C PRO D 113 9.96 -24.75 22.26
N PRO D 114 10.72 -23.64 22.21
CA PRO D 114 11.44 -23.13 23.37
C PRO D 114 10.41 -22.44 24.27
N LYS D 115 9.57 -23.23 24.96
CA LYS D 115 8.34 -22.63 25.60
C LYS D 115 8.67 -21.66 26.74
N ASP D 116 9.72 -21.90 27.50
CA ASP D 116 10.09 -20.97 28.57
C ASP D 116 10.53 -19.63 28.00
N LYS D 117 11.29 -19.68 26.92
CA LYS D 117 11.76 -18.47 26.25
C LYS D 117 10.63 -17.68 25.59
N VAL D 118 9.71 -18.37 24.93
CA VAL D 118 8.55 -17.74 24.29
C VAL D 118 7.70 -17.08 25.36
N GLU D 119 7.48 -17.81 26.45
CA GLU D 119 6.77 -17.27 27.60
C GLU D 119 7.42 -16.00 28.13
N LYS D 120 8.74 -15.99 28.27
CA LYS D 120 9.45 -14.80 28.77
C LYS D 120 9.34 -13.67 27.77
N ALA D 121 9.46 -14.00 26.50
CA ALA D 121 9.34 -13.00 25.45
C ALA D 121 7.98 -12.29 25.45
N VAL D 122 6.91 -13.09 25.50
CA VAL D 122 5.53 -12.55 25.56
C VAL D 122 5.27 -11.75 26.84
N GLN D 123 5.76 -12.27 27.95
CA GLN D 123 5.69 -11.61 29.24
C GLN D 123 6.38 -10.26 29.18
N LEU D 124 7.58 -10.25 28.62
CA LEU D 124 8.33 -9.01 28.45
C LEU D 124 7.53 -7.98 27.71
N SER D 125 6.92 -8.39 26.60
CA SER D 125 6.15 -7.46 25.75
C SER D 125 4.94 -6.93 26.48
N GLN D 126 4.24 -7.85 27.12
CA GLN D 126 3.00 -7.52 27.81
C GLN D 126 3.18 -6.82 29.15
N GLU D 127 4.19 -7.26 29.93
CA GLU D 127 4.33 -6.87 31.32
C GLU D 127 5.46 -5.88 31.57
N LYS D 128 6.53 -5.90 30.78
CA LYS D 128 7.67 -4.98 31.00
C LYS D 128 7.48 -3.75 30.12
N TYR D 129 7.39 -4.00 28.83
CA TYR D 129 7.23 -2.93 27.83
C TYR D 129 5.80 -2.43 27.79
N CYS D 130 4.86 -3.32 28.07
CA CYS D 130 3.43 -2.95 28.07
C CYS D 130 3.04 -2.37 26.73
N SER D 131 3.51 -3.02 25.66
CA SER D 131 3.39 -2.49 24.32
C SER D 131 1.95 -2.26 23.89
N VAL D 132 1.03 -3.07 24.40
CA VAL D 132 -0.40 -2.84 24.10
C VAL D 132 -1.06 -2.04 25.21
N SER D 133 -0.88 -2.47 26.44
CA SER D 133 -1.65 -1.94 27.57
C SER D 133 -1.32 -0.50 27.92
N ALA D 134 -0.11 -0.05 27.56
CA ALA D 134 0.31 1.31 27.84
C ALA D 134 -0.27 2.31 26.82
N ILE D 135 -0.81 1.79 25.73
CA ILE D 135 -1.34 2.61 24.65
C ILE D 135 -2.86 2.53 24.56
N LEU D 136 -3.42 1.30 24.68
CA LEU D 136 -4.82 1.06 24.41
C LEU D 136 -5.64 1.21 25.69
N LYS D 137 -6.56 2.17 25.72
CA LYS D 137 -7.53 2.28 26.81
C LYS D 137 -8.57 1.17 26.72
N CYS D 138 -8.81 0.54 27.86
CA CYS D 138 -9.74 -0.57 27.92
C CYS D 138 -10.37 -0.63 29.32
N SER D 139 -11.66 -0.90 29.36
CA SER D 139 -12.40 -1.02 30.62
C SER D 139 -12.10 -2.30 31.42
N SER D 140 -11.28 -3.18 30.87
CA SER D 140 -10.75 -4.33 31.64
C SER D 140 -9.32 -4.51 31.24
N LYS D 141 -8.55 -5.17 32.11
CA LYS D 141 -7.14 -5.44 31.86
C LYS D 141 -6.96 -6.30 30.63
N VAL D 142 -6.06 -5.90 29.74
CA VAL D 142 -5.74 -6.70 28.55
C VAL D 142 -5.26 -8.07 29.03
N THR D 143 -5.76 -9.12 28.35
CA THR D 143 -5.40 -10.51 28.63
C THR D 143 -4.73 -11.08 27.40
N TYR D 144 -4.09 -12.23 27.55
CA TYR D 144 -3.39 -12.80 26.44
C TYR D 144 -3.13 -14.25 26.73
N GLU D 145 -2.83 -15.01 25.69
CA GLU D 145 -2.40 -16.36 25.84
C GLU D 145 -1.41 -16.67 24.76
N ILE D 146 -0.71 -17.79 24.99
CA ILE D 146 0.17 -18.37 24.00
C ILE D 146 -0.40 -19.66 23.46
N VAL D 147 -0.33 -19.85 22.16
CA VAL D 147 -0.82 -21.04 21.49
C VAL D 147 0.28 -21.59 20.64
N TYR D 148 0.48 -22.91 20.66
CA TYR D 148 1.40 -23.58 19.75
C TYR D 148 0.65 -24.47 18.78
N GLU D 149 0.94 -24.36 17.50
CA GLU D 149 0.32 -25.21 16.49
C GLU D 149 1.35 -26.18 15.96
#